data_7SS6
#
_entry.id   7SS6
#
_cell.length_a   105.820
_cell.length_b   105.820
_cell.length_c   53.620
_cell.angle_alpha   90.000
_cell.angle_beta   90.000
_cell.angle_gamma   120.000
#
_symmetry.space_group_name_H-M   'P 32 2 1'
#
loop_
_entity.id
_entity.type
_entity.pdbx_description
1 polymer 'UDP-2,3-diacylglucosamine hydrolase'
2 non-polymer 'MANGANESE (II) ION'
3 non-polymer 5-{4-[3-chloro-5-(trifluoromethyl)phenyl]piperazine-1-sulfonyl}-N-[5-(hydroxyamino)-5-oxopentyl]-2,3-dihydro-1H-indole-1-carboxamide
4 non-polymer 1,2-ETHANEDIOL
5 water water
#
_entity_poly.entity_id   1
_entity_poly.type   'polypeptide(L)'
_entity_poly.pdbx_seq_one_letter_code
;MATLFIADLHLQTEEPAITAGFLRFLQGEARQADALYILGDLFEAWIGDDDPNPLHQQIASAIKAVVDAGVPCYFIHGNR
DFLVGQRFARQSGMILLAEEERLDLYGREVLIMHGDTLCTDDQGYLAFRAKVHTPWIQRLFLALPLFIRHRIAARMRADS
KAANSSKSMEIMDVNPQAVVDAMERHHVQWLIHGHTHRPAVHELQANGQPAWRVVLGAWHSEGSMVKVTPDDVELIHFPF
LEENLYFQSHHHHHHHHHH
;
_entity_poly.pdbx_strand_id   A
#
loop_
_chem_comp.id
_chem_comp.type
_chem_comp.name
_chem_comp.formula
BKB non-polymer 5-{4-[3-chloro-5-(trifluoromethyl)phenyl]piperazine-1-sulfonyl}-N-[5-(hydroxyamino)-5-oxopentyl]-2,3-dihydro-1H-indole-1-carboxamide 'C25 H29 Cl F3 N5 O5 S'
EDO non-polymer 1,2-ETHANEDIOL 'C2 H6 O2'
MN non-polymer 'MANGANESE (II) ION' 'Mn 2'
#
# COMPACT_ATOMS: atom_id res chain seq x y z
N ALA A 2 -14.50 8.08 -9.51
CA ALA A 2 -13.18 7.47 -9.69
C ALA A 2 -12.80 6.66 -8.47
N THR A 3 -11.98 5.64 -8.68
CA THR A 3 -11.51 4.79 -7.61
C THR A 3 -10.02 5.00 -7.45
N LEU A 4 -9.55 5.17 -6.21
CA LEU A 4 -8.17 5.55 -5.95
C LEU A 4 -7.39 4.39 -5.34
N PHE A 5 -6.11 4.30 -5.71
CA PHE A 5 -5.18 3.30 -5.22
C PHE A 5 -3.91 3.98 -4.75
N ILE A 6 -3.44 3.61 -3.55
CA ILE A 6 -2.16 4.10 -3.05
C ILE A 6 -1.47 2.92 -2.39
N ALA A 7 -0.15 3.06 -2.22
CA ALA A 7 0.65 2.04 -1.53
C ALA A 7 1.99 2.64 -1.17
N ASP A 8 2.74 1.91 -0.33
CA ASP A 8 4.12 2.25 -0.10
C ASP A 8 4.29 3.67 0.43
N LEU A 9 3.44 4.04 1.39
CA LEU A 9 3.63 5.29 2.11
C LEU A 9 4.72 5.17 3.17
N HIS A 10 4.86 4.00 3.78
CA HIS A 10 5.86 3.73 4.83
C HIS A 10 5.79 4.78 5.94
N LEU A 11 4.58 5.04 6.42
CA LEU A 11 4.40 6.06 7.45
C LEU A 11 5.19 5.73 8.70
N GLN A 12 5.76 6.75 9.33
CA GLN A 12 6.53 6.55 10.57
C GLN A 12 6.73 7.90 11.25
N THR A 13 6.86 7.88 12.58
CA THR A 13 6.90 9.17 13.26
C THR A 13 8.15 9.98 12.90
N GLU A 14 9.21 9.34 12.40
CA GLU A 14 10.40 10.09 12.00
C GLU A 14 10.23 10.79 10.66
N GLU A 15 9.14 10.56 9.94
CA GLU A 15 8.90 11.24 8.66
C GLU A 15 7.56 11.97 8.71
N PRO A 16 7.47 13.04 9.50
CA PRO A 16 6.17 13.72 9.66
C PRO A 16 5.66 14.36 8.38
N ALA A 17 6.53 14.67 7.41
CA ALA A 17 6.06 15.30 6.18
C ALA A 17 5.20 14.35 5.36
N ILE A 18 5.56 13.06 5.34
CA ILE A 18 4.74 12.07 4.66
C ILE A 18 3.38 11.96 5.34
N THR A 19 3.38 11.90 6.67
CA THR A 19 2.13 11.86 7.40
C THR A 19 1.25 13.06 7.06
N ALA A 20 1.83 14.27 7.11
CA ALA A 20 1.07 15.46 6.75
C ALA A 20 0.55 15.38 5.31
N GLY A 21 1.36 14.87 4.40
CA GLY A 21 0.90 14.69 3.03
C GLY A 21 -0.27 13.72 2.93
N PHE A 22 -0.21 12.63 3.69
CA PHE A 22 -1.31 11.65 3.63
C PHE A 22 -2.57 12.23 4.27
N LEU A 23 -2.41 12.96 5.37
CA LEU A 23 -3.59 13.60 5.97
C LEU A 23 -4.24 14.57 5.00
N ARG A 24 -3.43 15.35 4.25
CA ARG A 24 -4.01 16.27 3.27
C ARG A 24 -4.74 15.51 2.17
N PHE A 25 -4.16 14.39 1.72
CA PHE A 25 -4.80 13.53 0.73
C PHE A 25 -6.14 13.01 1.25
N LEU A 26 -6.20 12.57 2.51
CA LEU A 26 -7.44 12.02 3.04
C LEU A 26 -8.50 13.09 3.21
N GLN A 27 -8.10 14.32 3.54
CA GLN A 27 -9.05 15.40 3.76
C GLN A 27 -9.52 16.01 2.46
N GLY A 28 -8.85 15.72 1.34
CA GLY A 28 -9.18 16.36 0.09
C GLY A 28 -9.63 15.38 -0.97
N GLU A 29 -8.66 14.92 -1.75
CA GLU A 29 -8.90 14.02 -2.88
C GLU A 29 -9.74 12.80 -2.49
N ALA A 30 -9.37 12.13 -1.39
CA ALA A 30 -10.05 10.88 -1.05
C ALA A 30 -11.54 11.11 -0.82
N ARG A 31 -11.93 12.29 -0.36
CA ARG A 31 -13.34 12.52 -0.06
C ARG A 31 -14.21 12.52 -1.30
N GLN A 32 -13.62 12.72 -2.49
CA GLN A 32 -14.36 12.75 -3.74
C GLN A 32 -14.42 11.38 -4.41
N ALA A 33 -13.74 10.39 -3.87
CA ALA A 33 -13.57 9.12 -4.54
C ALA A 33 -14.78 8.22 -4.31
N ASP A 34 -14.96 7.26 -5.24
CA ASP A 34 -15.94 6.20 -5.02
C ASP A 34 -15.45 5.20 -3.99
N ALA A 35 -14.13 5.02 -3.88
CA ALA A 35 -13.52 4.08 -2.95
C ALA A 35 -12.03 4.35 -2.91
N LEU A 36 -11.40 3.94 -1.82
CA LEU A 36 -9.97 4.05 -1.67
C LEU A 36 -9.40 2.68 -1.31
N TYR A 37 -8.40 2.25 -2.07
CA TYR A 37 -7.70 1.00 -1.82
C TYR A 37 -6.26 1.32 -1.45
N ILE A 38 -5.79 0.77 -0.34
CA ILE A 38 -4.42 0.92 0.11
C ILE A 38 -3.74 -0.44 -0.05
N LEU A 39 -2.85 -0.55 -1.03
CA LEU A 39 -2.28 -1.83 -1.43
C LEU A 39 -0.98 -2.13 -0.69
N GLY A 40 -0.97 -1.92 0.62
CA GLY A 40 0.11 -2.43 1.45
C GLY A 40 1.22 -1.43 1.69
N ASP A 41 2.01 -1.71 2.74
CA ASP A 41 3.10 -0.82 3.17
C ASP A 41 2.56 0.58 3.44
N LEU A 42 1.38 0.63 4.06
CA LEU A 42 0.91 1.89 4.63
C LEU A 42 1.84 2.38 5.73
N PHE A 43 2.27 1.46 6.60
CA PHE A 43 3.18 1.80 7.69
C PHE A 43 4.55 1.17 7.43
N GLU A 44 5.59 1.86 7.91
CA GLU A 44 6.94 1.34 7.74
C GLU A 44 7.18 0.10 8.58
N ALA A 45 6.41 -0.06 9.66
CA ALA A 45 6.54 -1.21 10.54
C ALA A 45 5.20 -1.45 11.21
N TRP A 46 4.96 -2.71 11.62
CA TRP A 46 3.80 -3.01 12.45
C TRP A 46 4.16 -4.23 13.30
N ILE A 47 3.93 -4.11 14.61
CA ILE A 47 4.19 -5.23 15.52
C ILE A 47 2.91 -5.69 16.22
N GLY A 48 1.77 -5.15 15.84
CA GLY A 48 0.48 -5.62 16.30
C GLY A 48 -0.42 -4.46 16.67
N ASP A 49 -1.73 -4.73 16.70
CA ASP A 49 -2.71 -3.66 16.87
C ASP A 49 -2.77 -3.10 18.29
N ASP A 50 -2.12 -3.72 19.26
CA ASP A 50 -2.11 -3.21 20.63
C ASP A 50 -0.99 -2.19 20.86
N ASP A 51 -0.17 -1.92 19.85
CA ASP A 51 0.89 -0.93 19.92
C ASP A 51 0.29 0.46 20.15
N PRO A 52 0.71 1.18 21.19
CA PRO A 52 0.12 2.48 21.51
C PRO A 52 0.71 3.66 20.74
N ASN A 53 1.56 3.42 19.73
CA ASN A 53 2.15 4.45 18.90
C ASN A 53 1.07 5.46 18.50
N PRO A 54 1.17 6.73 18.91
CA PRO A 54 0.11 7.69 18.61
C PRO A 54 -0.14 7.85 17.13
N LEU A 55 0.88 7.66 16.30
CA LEU A 55 0.65 7.78 14.86
C LEU A 55 -0.44 6.82 14.39
N HIS A 56 -0.49 5.63 14.96
CA HIS A 56 -1.50 4.66 14.54
C HIS A 56 -2.91 5.19 14.79
N GLN A 57 -3.14 5.79 15.96
CA GLN A 57 -4.46 6.34 16.26
C GLN A 57 -4.79 7.55 15.38
N GLN A 58 -3.79 8.39 15.11
N GLN A 58 -3.78 8.41 15.14
CA GLN A 58 -4.00 9.57 14.26
CA GLN A 58 -3.96 9.55 14.26
C GLN A 58 -4.36 9.16 12.84
C GLN A 58 -4.40 9.10 12.88
N ILE A 59 -3.71 8.11 12.32
CA ILE A 59 -4.03 7.62 10.98
C ILE A 59 -5.38 6.92 10.98
N ALA A 60 -5.66 6.12 12.02
CA ALA A 60 -6.97 5.45 12.09
C ALA A 60 -8.09 6.48 12.08
N SER A 61 -7.94 7.55 12.85
N SER A 61 -7.94 7.55 12.85
N SER A 61 -7.96 7.55 12.85
CA SER A 61 -8.98 8.57 12.93
CA SER A 61 -9.00 8.55 12.93
CA SER A 61 -9.02 8.55 12.91
C SER A 61 -9.17 9.25 11.59
C SER A 61 -9.17 9.29 11.61
C SER A 61 -9.17 9.30 11.60
N ALA A 62 -8.07 9.56 10.90
CA ALA A 62 -8.16 10.24 9.61
C ALA A 62 -8.81 9.37 8.55
N ILE A 63 -8.47 8.07 8.51
CA ILE A 63 -9.13 7.16 7.56
C ILE A 63 -10.61 7.01 7.92
N LYS A 64 -10.92 6.93 9.22
CA LYS A 64 -12.30 6.74 9.64
C LYS A 64 -13.16 7.92 9.21
N ALA A 65 -12.58 9.12 9.19
CA ALA A 65 -13.33 10.28 8.71
C ALA A 65 -13.68 10.15 7.23
N VAL A 66 -12.81 9.52 6.44
CA VAL A 66 -13.10 9.31 5.02
C VAL A 66 -14.22 8.30 4.87
N VAL A 67 -14.14 7.20 5.63
CA VAL A 67 -15.17 6.17 5.66
C VAL A 67 -16.50 6.77 6.08
N ASP A 68 -16.49 7.58 7.16
CA ASP A 68 -17.72 8.19 7.64
C ASP A 68 -18.30 9.17 6.64
N ALA A 69 -17.46 9.76 5.79
CA ALA A 69 -17.88 10.64 4.71
C ALA A 69 -18.42 9.88 3.51
N GLY A 70 -18.54 8.56 3.58
CA GLY A 70 -19.19 7.77 2.57
C GLY A 70 -18.26 7.10 1.58
N VAL A 71 -16.97 7.11 1.83
CA VAL A 71 -15.99 6.54 0.91
C VAL A 71 -15.43 5.24 1.51
N PRO A 72 -15.83 4.06 1.03
CA PRO A 72 -15.30 2.84 1.62
C PRO A 72 -13.81 2.72 1.35
N CYS A 73 -13.10 2.23 2.37
CA CYS A 73 -11.65 2.16 2.37
C CYS A 73 -11.25 0.71 2.59
N TYR A 74 -10.28 0.22 1.81
CA TYR A 74 -9.87 -1.19 1.78
C TYR A 74 -8.36 -1.29 1.92
N PHE A 75 -7.89 -2.39 2.50
CA PHE A 75 -6.48 -2.57 2.75
C PHE A 75 -6.04 -3.97 2.36
N ILE A 76 -4.97 -4.05 1.56
CA ILE A 76 -4.24 -5.29 1.35
C ILE A 76 -2.90 -5.14 2.05
N HIS A 77 -2.47 -6.16 2.79
CA HIS A 77 -1.24 -6.06 3.56
C HIS A 77 -0.01 -5.94 2.68
N GLY A 78 0.97 -5.17 3.15
CA GLY A 78 2.31 -5.17 2.58
C GLY A 78 3.23 -6.05 3.39
N ASN A 79 4.47 -6.16 2.94
CA ASN A 79 5.47 -6.88 3.70
C ASN A 79 5.93 -6.11 4.93
N ARG A 80 5.77 -4.78 4.95
CA ARG A 80 6.13 -4.04 6.15
C ARG A 80 5.04 -4.13 7.22
N ASP A 81 3.77 -4.23 6.82
CA ASP A 81 2.69 -4.09 7.77
C ASP A 81 1.73 -5.28 7.71
N PHE A 82 2.27 -6.49 7.52
CA PHE A 82 1.44 -7.68 7.43
C PHE A 82 0.75 -8.03 8.75
N LEU A 83 1.16 -7.44 9.86
CA LEU A 83 0.49 -7.73 11.12
C LEU A 83 -0.69 -6.81 11.41
N VAL A 84 -1.05 -5.90 10.50
CA VAL A 84 -2.26 -5.09 10.71
C VAL A 84 -3.46 -6.01 10.84
N GLY A 85 -4.25 -5.84 11.91
CA GLY A 85 -5.32 -6.79 12.14
C GLY A 85 -6.69 -6.16 12.26
N GLN A 86 -7.65 -6.93 12.78
CA GLN A 86 -9.03 -6.47 12.74
C GLN A 86 -9.33 -5.41 13.80
N ARG A 87 -8.55 -5.35 14.87
CA ARG A 87 -8.68 -4.21 15.79
C ARG A 87 -8.39 -2.89 15.09
N PHE A 88 -7.28 -2.81 14.34
CA PHE A 88 -7.01 -1.59 13.58
C PHE A 88 -8.05 -1.38 12.50
N ALA A 89 -8.50 -2.46 11.86
CA ALA A 89 -9.57 -2.32 10.86
C ALA A 89 -10.81 -1.68 11.48
N ARG A 90 -11.18 -2.10 12.68
CA ARG A 90 -12.35 -1.49 13.33
C ARG A 90 -12.07 -0.04 13.71
N GLN A 91 -10.86 0.25 14.22
CA GLN A 91 -10.52 1.62 14.62
C GLN A 91 -10.55 2.57 13.43
N SER A 92 -10.10 2.10 12.27
CA SER A 92 -9.99 2.95 11.08
C SER A 92 -11.21 2.90 10.16
N GLY A 93 -12.09 1.92 10.36
CA GLY A 93 -13.17 1.68 9.42
C GLY A 93 -12.76 1.01 8.13
N MET A 94 -11.51 0.60 8.02
CA MET A 94 -11.02 -0.05 6.80
C MET A 94 -11.46 -1.51 6.77
N ILE A 95 -11.66 -2.01 5.56
CA ILE A 95 -11.96 -3.42 5.35
C ILE A 95 -10.69 -4.13 4.89
N LEU A 96 -10.29 -5.18 5.59
CA LEU A 96 -9.10 -5.93 5.22
C LEU A 96 -9.44 -6.92 4.10
N LEU A 97 -8.63 -6.92 3.04
CA LEU A 97 -8.83 -7.82 1.91
C LEU A 97 -7.74 -8.88 1.88
N ALA A 98 -7.89 -9.83 0.95
CA ALA A 98 -6.94 -10.91 0.77
C ALA A 98 -5.73 -10.44 -0.01
N GLU A 99 -4.70 -11.30 -0.13
CA GLU A 99 -3.47 -10.85 -0.77
C GLU A 99 -3.65 -10.60 -2.26
N GLU A 100 -4.63 -11.24 -2.90
CA GLU A 100 -5.05 -10.91 -4.26
C GLU A 100 -6.56 -10.69 -4.27
N GLU A 101 -7.02 -9.68 -5.01
CA GLU A 101 -8.44 -9.45 -5.17
C GLU A 101 -8.70 -9.04 -6.60
N ARG A 102 -9.84 -9.47 -7.14
CA ARG A 102 -10.26 -9.07 -8.48
C ARG A 102 -11.43 -8.09 -8.33
N LEU A 103 -11.28 -6.89 -8.90
CA LEU A 103 -12.26 -5.83 -8.80
C LEU A 103 -12.95 -5.58 -10.14
N ASP A 104 -14.21 -5.16 -10.06
CA ASP A 104 -14.93 -4.61 -11.21
C ASP A 104 -14.87 -3.09 -11.08
N LEU A 105 -14.07 -2.44 -11.91
CA LEU A 105 -13.94 -0.99 -11.89
C LEU A 105 -14.58 -0.44 -13.15
N TYR A 106 -15.84 0.01 -13.02
CA TYR A 106 -16.58 0.59 -14.15
C TYR A 106 -16.60 -0.34 -15.35
N GLY A 107 -16.67 -1.65 -15.09
CA GLY A 107 -16.68 -2.66 -16.13
C GLY A 107 -15.34 -3.27 -16.44
N ARG A 108 -14.25 -2.60 -16.04
CA ARG A 108 -12.88 -3.06 -16.22
C ARG A 108 -12.56 -4.02 -15.08
N GLU A 109 -12.23 -5.28 -15.39
CA GLU A 109 -11.80 -6.20 -14.34
C GLU A 109 -10.33 -5.99 -14.03
N VAL A 110 -10.00 -5.85 -12.75
CA VAL A 110 -8.65 -5.43 -12.33
C VAL A 110 -8.19 -6.30 -11.18
N LEU A 111 -7.00 -6.89 -11.31
CA LEU A 111 -6.37 -7.58 -10.19
C LEU A 111 -5.56 -6.58 -9.35
N ILE A 112 -5.67 -6.67 -8.02
CA ILE A 112 -4.86 -5.82 -7.14
C ILE A 112 -4.13 -6.71 -6.12
N MET A 113 -2.92 -6.29 -5.76
N MET A 113 -2.93 -6.29 -5.75
CA MET A 113 -2.12 -6.96 -4.74
CA MET A 113 -2.09 -7.01 -4.80
C MET A 113 -1.05 -5.98 -4.28
C MET A 113 -0.94 -6.09 -4.40
N HIS A 114 -0.28 -6.39 -3.27
CA HIS A 114 0.84 -5.55 -2.88
C HIS A 114 1.95 -5.63 -3.92
N GLY A 115 2.22 -6.84 -4.39
CA GLY A 115 3.18 -7.07 -5.46
C GLY A 115 4.39 -7.88 -5.05
N ASP A 116 4.65 -8.03 -3.74
CA ASP A 116 5.86 -8.76 -3.36
C ASP A 116 5.80 -10.23 -3.76
N THR A 117 4.60 -10.82 -3.84
CA THR A 117 4.49 -12.21 -4.24
C THR A 117 4.79 -12.43 -5.72
N LEU A 118 4.90 -11.35 -6.51
CA LEU A 118 5.30 -11.48 -7.91
C LEU A 118 6.80 -11.57 -8.09
N CYS A 119 7.55 -11.36 -7.01
CA CYS A 119 8.99 -11.13 -7.10
C CYS A 119 9.72 -12.44 -6.88
N THR A 120 9.34 -13.45 -7.68
CA THR A 120 9.71 -14.84 -7.44
C THR A 120 11.18 -15.15 -7.72
N ASP A 121 11.96 -14.17 -8.19
CA ASP A 121 13.39 -14.36 -8.29
C ASP A 121 14.11 -14.14 -6.97
N ASP A 122 13.42 -13.66 -5.94
CA ASP A 122 14.02 -13.53 -4.61
C ASP A 122 13.46 -14.66 -3.73
N GLN A 123 13.98 -15.86 -3.95
CA GLN A 123 13.53 -17.04 -3.21
C GLN A 123 13.82 -16.94 -1.72
N GLY A 124 14.88 -16.21 -1.35
CA GLY A 124 15.13 -16.01 0.07
C GLY A 124 14.03 -15.21 0.73
N TYR A 125 13.63 -14.11 0.07
CA TYR A 125 12.55 -13.29 0.61
C TYR A 125 11.26 -14.10 0.74
N LEU A 126 10.89 -14.83 -0.33
CA LEU A 126 9.63 -15.56 -0.31
C LEU A 126 9.61 -16.63 0.77
N ALA A 127 10.77 -17.18 1.12
CA ALA A 127 10.82 -18.17 2.20
C ALA A 127 10.54 -17.49 3.55
N PHE A 128 11.24 -16.40 3.84
CA PHE A 128 10.96 -15.60 5.03
C PHE A 128 9.50 -15.14 5.06
N ARG A 129 8.99 -14.70 3.91
CA ARG A 129 7.58 -14.31 3.83
C ARG A 129 6.66 -15.46 4.24
N ALA A 130 6.95 -16.67 3.75
CA ALA A 130 6.14 -17.83 4.12
C ALA A 130 6.16 -18.07 5.61
N LYS A 131 7.28 -17.79 6.27
CA LYS A 131 7.38 -18.03 7.70
C LYS A 131 6.55 -17.03 8.50
N VAL A 132 6.71 -15.73 8.22
CA VAL A 132 5.96 -14.73 8.98
C VAL A 132 4.49 -14.68 8.62
N HIS A 133 4.06 -15.42 7.60
CA HIS A 133 2.64 -15.56 7.29
C HIS A 133 2.06 -16.87 7.80
N THR A 134 2.86 -17.72 8.43
CA THR A 134 2.35 -18.91 9.06
C THR A 134 1.57 -18.53 10.31
N PRO A 135 0.29 -18.93 10.43
CA PRO A 135 -0.55 -18.43 11.54
C PRO A 135 0.03 -18.70 12.93
N TRP A 136 0.63 -19.87 13.16
CA TRP A 136 1.12 -20.15 14.51
C TRP A 136 2.34 -19.31 14.83
N ILE A 137 3.14 -18.95 13.83
CA ILE A 137 4.26 -18.05 14.07
C ILE A 137 3.75 -16.64 14.38
N GLN A 138 2.77 -16.14 13.61
CA GLN A 138 2.20 -14.82 13.93
C GLN A 138 1.61 -14.80 15.34
N ARG A 139 0.88 -15.85 15.72
CA ARG A 139 0.26 -15.86 17.03
C ARG A 139 1.30 -15.91 18.15
N LEU A 140 2.42 -16.60 17.93
CA LEU A 140 3.47 -16.60 18.94
C LEU A 140 4.12 -15.23 19.06
N PHE A 141 4.40 -14.58 17.94
CA PHE A 141 5.00 -13.24 17.99
C PHE A 141 4.10 -12.26 18.71
N LEU A 142 2.81 -12.26 18.35
CA LEU A 142 1.86 -11.30 18.92
C LEU A 142 1.64 -11.54 20.39
N ALA A 143 1.91 -12.75 20.89
CA ALA A 143 1.78 -13.03 22.31
C ALA A 143 2.94 -12.47 23.13
N LEU A 144 4.07 -12.18 22.50
CA LEU A 144 5.19 -11.60 23.23
C LEU A 144 4.83 -10.23 23.79
N PRO A 145 5.41 -9.84 24.93
CA PRO A 145 5.18 -8.49 25.44
C PRO A 145 5.55 -7.43 24.40
N LEU A 146 4.80 -6.34 24.44
CA LEU A 146 5.00 -5.28 23.46
C LEU A 146 6.45 -4.79 23.45
N PHE A 147 7.05 -4.62 24.63
CA PHE A 147 8.41 -4.10 24.64
C PHE A 147 9.38 -5.09 23.99
N ILE A 148 9.11 -6.39 24.09
CA ILE A 148 9.93 -7.40 23.43
C ILE A 148 9.74 -7.32 21.93
N ARG A 149 8.50 -7.21 21.47
CA ARG A 149 8.24 -7.06 20.04
C ARG A 149 8.93 -5.82 19.48
N HIS A 150 8.85 -4.70 20.22
N HIS A 150 8.90 -4.71 20.23
CA HIS A 150 9.53 -3.47 19.81
CA HIS A 150 9.52 -3.48 19.76
C HIS A 150 11.01 -3.72 19.62
C HIS A 150 11.04 -3.62 19.66
N ARG A 151 11.65 -4.35 20.60
CA ARG A 151 13.08 -4.62 20.53
C ARG A 151 13.41 -5.54 19.36
N ILE A 152 12.61 -6.58 19.15
CA ILE A 152 12.86 -7.50 18.03
C ILE A 152 12.80 -6.73 16.71
N ALA A 153 11.74 -5.92 16.56
CA ALA A 153 11.53 -5.20 15.30
C ALA A 153 12.63 -4.18 15.06
N ALA A 154 13.03 -3.45 16.11
CA ALA A 154 14.07 -2.44 15.94
C ALA A 154 15.39 -3.09 15.56
N ARG A 155 15.74 -4.22 16.18
CA ARG A 155 16.95 -4.95 15.80
C ARG A 155 16.86 -5.44 14.35
N MET A 156 15.71 -5.99 13.97
CA MET A 156 15.53 -6.48 12.60
C MET A 156 15.67 -5.36 11.58
N ARG A 157 15.09 -4.20 11.87
CA ARG A 157 15.22 -3.05 10.98
C ARG A 157 16.67 -2.56 10.95
N ALA A 158 17.33 -2.51 12.09
CA ALA A 158 18.75 -2.14 12.10
C ALA A 158 19.57 -3.14 11.29
N ASP A 159 19.25 -4.43 11.41
CA ASP A 159 20.01 -5.46 10.70
C ASP A 159 19.78 -5.41 9.20
N SER A 160 18.60 -4.97 8.76
N SER A 160 18.59 -4.98 8.76
N SER A 160 18.59 -4.98 8.76
CA SER A 160 18.30 -4.94 7.33
CA SER A 160 18.29 -4.94 7.34
CA SER A 160 18.29 -4.94 7.34
C SER A 160 18.88 -3.70 6.65
C SER A 160 18.88 -3.71 6.66
C SER A 160 18.90 -3.71 6.67
N LYS A 161 19.05 -2.62 7.39
CA LYS A 161 19.61 -1.39 6.82
C LYS A 161 21.09 -1.56 6.46
N GLU A 170 18.81 -2.47 -3.53
CA GLU A 170 17.72 -2.27 -4.47
C GLU A 170 16.66 -3.35 -4.33
N ILE A 171 15.38 -2.95 -4.46
CA ILE A 171 14.28 -3.90 -4.36
C ILE A 171 14.22 -4.75 -5.62
N MET A 172 14.18 -6.07 -5.42
CA MET A 172 13.99 -7.02 -6.51
C MET A 172 12.70 -6.69 -7.24
N ASP A 173 12.76 -6.67 -8.57
CA ASP A 173 11.58 -6.36 -9.36
C ASP A 173 10.78 -7.63 -9.61
N VAL A 174 9.61 -7.47 -10.24
CA VAL A 174 8.72 -8.60 -10.46
C VAL A 174 9.32 -9.56 -11.48
N ASN A 175 8.87 -10.80 -11.41
CA ASN A 175 9.21 -11.79 -12.41
C ASN A 175 8.16 -11.74 -13.52
N PRO A 176 8.54 -11.52 -14.78
CA PRO A 176 7.52 -11.36 -15.83
C PRO A 176 6.57 -12.55 -15.95
N GLN A 177 7.06 -13.77 -15.76
CA GLN A 177 6.18 -14.93 -15.86
C GLN A 177 5.21 -15.01 -14.69
N ALA A 178 5.63 -14.61 -13.49
CA ALA A 178 4.70 -14.55 -12.37
C ALA A 178 3.55 -13.59 -12.65
N VAL A 179 3.85 -12.46 -13.31
CA VAL A 179 2.81 -11.50 -13.69
C VAL A 179 1.80 -12.15 -14.62
N VAL A 180 2.29 -12.76 -15.71
CA VAL A 180 1.38 -13.41 -16.65
C VAL A 180 0.56 -14.48 -15.96
N ASP A 181 1.21 -15.28 -15.10
N ASP A 181 1.21 -15.29 -15.10
CA ASP A 181 0.50 -16.35 -14.40
CA ASP A 181 0.50 -16.35 -14.39
C ASP A 181 -0.62 -15.79 -13.51
C ASP A 181 -0.62 -15.77 -13.53
N ALA A 182 -0.32 -14.71 -12.77
CA ALA A 182 -1.34 -14.13 -11.92
C ALA A 182 -2.48 -13.55 -12.74
N MET A 183 -2.16 -12.90 -13.85
CA MET A 183 -3.20 -12.26 -14.65
C MET A 183 -4.01 -13.28 -15.43
N GLU A 184 -3.45 -14.44 -15.70
CA GLU A 184 -4.22 -15.51 -16.34
C GLU A 184 -5.01 -16.33 -15.31
N ARG A 185 -4.48 -16.52 -14.11
CA ARG A 185 -5.25 -17.14 -13.03
C ARG A 185 -6.55 -16.39 -12.76
N HIS A 186 -6.51 -15.05 -12.81
CA HIS A 186 -7.68 -14.23 -12.58
C HIS A 186 -8.38 -13.80 -13.86
N HIS A 187 -7.83 -14.10 -15.03
N HIS A 187 -7.84 -14.12 -15.03
CA HIS A 187 -8.39 -13.74 -16.33
CA HIS A 187 -8.40 -13.74 -16.34
C HIS A 187 -8.69 -12.24 -16.41
C HIS A 187 -8.70 -12.24 -16.40
N VAL A 188 -7.68 -11.44 -16.10
CA VAL A 188 -7.79 -9.98 -16.19
C VAL A 188 -6.78 -9.47 -17.21
N GLN A 189 -7.06 -8.27 -17.73
CA GLN A 189 -6.12 -7.53 -18.56
C GLN A 189 -5.49 -6.36 -17.83
N TRP A 190 -5.80 -6.16 -16.54
CA TRP A 190 -5.31 -5.02 -15.77
C TRP A 190 -4.85 -5.50 -14.40
N LEU A 191 -3.68 -5.04 -13.98
CA LEU A 191 -3.12 -5.37 -12.67
C LEU A 191 -2.56 -4.09 -12.07
N ILE A 192 -2.87 -3.82 -10.79
CA ILE A 192 -2.29 -2.69 -10.07
C ILE A 192 -1.59 -3.23 -8.83
N HIS A 193 -0.35 -2.79 -8.60
CA HIS A 193 0.38 -3.24 -7.42
C HIS A 193 1.40 -2.19 -7.02
N GLY A 194 2.02 -2.42 -5.86
CA GLY A 194 3.10 -1.56 -5.41
C GLY A 194 4.35 -2.38 -5.15
N HIS A 195 4.96 -2.19 -3.97
CA HIS A 195 6.13 -2.93 -3.52
C HIS A 195 7.44 -2.61 -4.25
N THR A 196 7.44 -2.57 -5.58
CA THR A 196 8.70 -2.42 -6.29
C THR A 196 9.20 -0.99 -6.32
N HIS A 197 8.36 -0.01 -5.95
CA HIS A 197 8.73 1.40 -5.87
C HIS A 197 9.19 1.94 -7.22
N ARG A 198 8.64 1.42 -8.31
CA ARG A 198 9.01 1.81 -9.67
C ARG A 198 7.75 2.17 -10.43
N PRO A 199 7.17 3.34 -10.14
CA PRO A 199 5.89 3.72 -10.77
C PRO A 199 6.01 3.73 -12.29
N ALA A 200 5.06 3.06 -12.94
CA ALA A 200 5.18 2.77 -14.36
C ALA A 200 3.90 2.10 -14.85
N VAL A 201 3.76 2.06 -16.17
CA VAL A 201 2.71 1.30 -16.83
C VAL A 201 3.40 0.37 -17.83
N HIS A 202 3.16 -0.93 -17.69
CA HIS A 202 3.79 -1.94 -18.53
C HIS A 202 2.75 -2.63 -19.40
N GLU A 203 3.02 -2.75 -20.70
CA GLU A 203 2.16 -3.57 -21.53
C GLU A 203 2.75 -4.96 -21.67
N LEU A 204 1.87 -5.96 -21.63
CA LEU A 204 2.26 -7.35 -21.78
C LEU A 204 1.14 -8.05 -22.54
N GLN A 205 1.18 -9.37 -22.59
CA GLN A 205 0.09 -10.12 -23.19
C GLN A 205 -0.36 -11.15 -22.17
N ALA A 206 -1.67 -11.23 -21.96
CA ALA A 206 -2.24 -12.19 -21.04
C ALA A 206 -3.59 -12.61 -21.58
N ASN A 207 -3.91 -13.89 -21.45
CA ASN A 207 -5.19 -14.42 -21.92
C ASN A 207 -5.36 -14.16 -23.41
N GLY A 208 -4.25 -14.15 -24.15
CA GLY A 208 -4.32 -13.95 -25.59
C GLY A 208 -4.67 -12.56 -26.04
N GLN A 209 -4.56 -11.56 -25.17
CA GLN A 209 -4.95 -10.19 -25.47
C GLN A 209 -3.99 -9.25 -24.77
N PRO A 210 -3.90 -7.99 -25.21
CA PRO A 210 -3.03 -7.03 -24.54
C PRO A 210 -3.48 -6.85 -23.10
N ALA A 211 -2.49 -6.70 -22.22
CA ALA A 211 -2.74 -6.50 -20.80
C ALA A 211 -1.76 -5.48 -20.26
N TRP A 212 -2.08 -4.90 -19.09
CA TRP A 212 -1.28 -3.82 -18.54
C TRP A 212 -1.07 -4.01 -17.05
N ARG A 213 0.15 -3.71 -16.61
CA ARG A 213 0.55 -3.78 -15.21
C ARG A 213 0.92 -2.37 -14.76
N VAL A 214 0.16 -1.82 -13.82
CA VAL A 214 0.33 -0.46 -13.36
C VAL A 214 0.93 -0.50 -11.96
N VAL A 215 2.03 0.24 -11.75
CA VAL A 215 2.82 0.18 -10.53
C VAL A 215 2.77 1.52 -9.82
N LEU A 216 2.42 1.50 -8.53
CA LEU A 216 2.36 2.68 -7.68
C LEU A 216 3.75 3.15 -7.27
N GLY A 217 3.85 4.43 -6.94
CA GLY A 217 5.09 4.96 -6.41
C GLY A 217 5.13 4.95 -4.88
N ALA A 218 6.34 4.85 -4.34
CA ALA A 218 6.52 5.10 -2.90
C ALA A 218 6.46 6.59 -2.61
N TRP A 219 6.02 6.92 -1.40
CA TRP A 219 5.88 8.33 -1.00
C TRP A 219 7.21 8.76 -0.39
N HIS A 220 8.15 9.14 -1.24
N HIS A 220 8.16 9.09 -1.25
CA HIS A 220 9.48 9.50 -0.76
CA HIS A 220 9.49 9.50 -0.77
C HIS A 220 9.64 11.01 -0.62
C HIS A 220 9.51 11.02 -0.60
N SER A 221 9.45 11.75 -1.71
CA SER A 221 9.45 13.20 -1.69
C SER A 221 8.10 13.79 -2.09
N GLU A 222 7.30 13.04 -2.84
CA GLU A 222 5.97 13.43 -3.29
C GLU A 222 5.06 12.22 -3.17
N GLY A 223 3.75 12.47 -3.18
CA GLY A 223 2.79 11.40 -3.19
C GLY A 223 2.53 10.85 -4.56
N SER A 224 1.90 9.68 -4.59
CA SER A 224 1.59 8.98 -5.83
C SER A 224 0.26 8.27 -5.62
N MET A 225 -0.60 8.26 -6.64
CA MET A 225 -1.79 7.42 -6.61
C MET A 225 -2.08 6.94 -8.01
N VAL A 226 -2.91 5.90 -8.11
CA VAL A 226 -3.55 5.52 -9.36
C VAL A 226 -5.02 5.84 -9.23
N LYS A 227 -5.56 6.50 -10.24
CA LYS A 227 -6.98 6.86 -10.25
C LYS A 227 -7.59 6.17 -11.46
N VAL A 228 -8.58 5.31 -11.21
CA VAL A 228 -9.26 4.59 -12.29
C VAL A 228 -10.61 5.25 -12.47
N THR A 229 -10.93 5.62 -13.71
CA THR A 229 -12.23 6.20 -14.04
C THR A 229 -12.94 5.29 -15.05
N PRO A 230 -14.20 5.55 -15.39
CA PRO A 230 -14.81 4.78 -16.48
C PRO A 230 -14.07 4.94 -17.79
N ASP A 231 -13.26 5.99 -17.93
CA ASP A 231 -12.66 6.33 -19.21
C ASP A 231 -11.17 6.07 -19.33
N ASP A 232 -10.43 5.95 -18.24
CA ASP A 232 -8.98 5.83 -18.36
C ASP A 232 -8.40 5.37 -17.03
N VAL A 233 -7.08 5.17 -17.03
CA VAL A 233 -6.29 4.82 -15.84
C VAL A 233 -5.18 5.85 -15.72
N GLU A 234 -5.04 6.45 -14.53
CA GLU A 234 -4.18 7.62 -14.32
C GLU A 234 -3.20 7.34 -13.21
N LEU A 235 -1.91 7.50 -13.49
CA LEU A 235 -0.87 7.43 -12.48
C LEU A 235 -0.47 8.88 -12.19
N ILE A 236 -0.73 9.32 -10.96
CA ILE A 236 -0.70 10.74 -10.62
C ILE A 236 0.32 10.99 -9.51
N HIS A 237 1.18 11.98 -9.72
CA HIS A 237 2.16 12.38 -8.70
C HIS A 237 1.85 13.79 -8.23
N PHE A 238 1.88 13.99 -6.92
CA PHE A 238 1.42 15.26 -6.36
C PHE A 238 2.23 15.61 -5.13
N PRO A 239 2.32 16.89 -4.77
CA PRO A 239 3.09 17.27 -3.58
C PRO A 239 2.37 16.92 -2.29
N PHE A 240 3.17 16.64 -1.25
CA PHE A 240 2.60 16.38 0.08
C PHE A 240 1.76 17.55 0.58
N LEU A 241 2.32 18.75 0.55
CA LEU A 241 1.73 19.89 1.22
C LEU A 241 1.18 20.86 0.19
N GLU A 242 0.34 21.77 0.64
CA GLU A 242 -0.20 22.74 -0.31
C GLU A 242 0.91 23.71 -0.66
N GLU A 243 1.47 23.56 -1.85
CA GLU A 243 2.60 24.35 -2.31
C GLU A 243 2.14 25.77 -2.58
N ASN A 244 2.31 26.65 -1.59
CA ASN A 244 1.74 27.98 -1.67
C ASN A 244 2.42 28.81 -2.75
N LEU A 245 1.61 29.46 -3.58
CA LEU A 245 2.15 30.24 -4.69
C LEU A 245 2.67 31.56 -4.17
N TYR A 246 3.91 31.87 -4.51
CA TYR A 246 4.50 33.18 -4.32
C TYR A 246 5.29 33.48 -5.57
N PHE A 247 5.49 34.75 -5.85
CA PHE A 247 6.08 35.15 -7.12
C PHE A 247 7.55 35.44 -6.93
N GLN A 248 8.37 34.52 -7.43
CA GLN A 248 9.81 34.72 -7.53
C GLN A 248 10.03 35.74 -8.63
N SER A 249 10.68 36.84 -8.32
CA SER A 249 10.84 37.80 -9.41
C SER A 249 11.93 37.32 -10.37
N HIS A 250 11.80 37.75 -11.62
CA HIS A 250 12.81 37.47 -12.63
C HIS A 250 12.86 38.67 -13.57
N HIS A 251 13.76 38.63 -14.54
CA HIS A 251 13.97 39.76 -15.42
C HIS A 251 14.37 39.28 -16.81
N HIS A 252 13.82 39.92 -17.82
CA HIS A 252 14.10 39.57 -19.22
C HIS A 252 14.63 40.77 -19.98
MN MN B . 7.16 -0.47 0.06
MN MN C . 6.61 -3.83 0.08
C13 BKB D . 8.83 -5.45 8.61
C15 BKB D . 10.87 -5.86 7.40
C17 BKB D . 11.02 -5.28 9.72
C21 BKB D . 11.34 -6.29 4.90
C24 BKB D . 11.93 -6.69 2.47
C26 BKB D . 11.45 -5.20 0.45
C28 BKB D . 9.76 -3.37 0.08
C01 BKB D . 6.88 -10.90 12.80
C02 BKB D . 8.10 -10.31 13.00
C04 BKB D . 9.27 -8.12 13.38
C05 BKB D . 9.70 -7.05 12.39
C07 BKB D . 7.48 -7.02 11.48
C08 BKB D . 7.03 -8.14 12.39
C12 BKB D . 9.64 -5.20 9.72
C14 BKB D . 9.46 -5.78 7.42
C16 BKB D . 11.65 -5.61 8.52
C18 BKB D . 13.13 -5.76 8.17
C19 BKB D . 13.15 -6.24 6.74
C25 BKB D . 11.78 -5.22 1.97
C27 BKB D . 11.23 -3.75 -0.05
C32 BKB D . 9.21 -11.01 13.46
C33 BKB D . 9.06 -12.36 13.69
C34 BKB D . 7.86 -13.00 13.48
C35 BKB D . 6.76 -12.25 13.02
C37 BKB D . 10.29 -13.13 14.19
F38 BKB D . 11.28 -12.95 13.29
F39 BKB D . 9.96 -14.45 14.28
F40 BKB D . 10.68 -12.66 15.39
N03 BKB D . 8.23 -8.91 12.75
N06 BKB D . 8.53 -6.22 12.10
N20 BKB D . 11.77 -6.16 6.27
N23 BKB D . 12.35 -6.56 3.87
N30 BKB D . 9.08 -2.62 -0.97
O10 BKB D . 9.76 -3.93 12.03
O11 BKB D . 7.58 -4.11 11.02
O22 BKB D . 10.19 -6.20 4.63
O29 BKB D . 9.10 -3.68 1.03
O31 BKB D . 7.73 -2.33 -0.73
S09 BKB D . 8.87 -4.78 11.28
CL36 BKB D . 5.21 -13.03 12.74
C1 EDO E . 12.38 -7.71 -1.80
O1 EDO E . 12.34 -8.22 -0.46
C2 EDO E . 11.40 -8.47 -2.68
O2 EDO E . 11.25 -7.73 -3.91
C1 EDO F . -13.66 -3.62 9.63
O1 EDO F . -14.31 -4.46 8.67
C2 EDO F . -14.19 -2.19 9.51
O2 EDO F . -15.38 -2.05 10.30
C1 EDO G . -15.03 -4.19 -3.44
O1 EDO G . -16.36 -4.56 -3.05
C2 EDO G . -13.98 -4.97 -2.67
O2 EDO G . -14.01 -6.35 -3.07
C1 EDO H . 5.91 1.02 15.46
O1 EDO H . 5.29 1.52 16.65
C2 EDO H . 7.41 0.79 15.68
O2 EDO H . 7.58 -0.19 16.73
#